data_4TVT
#
_entry.id   4TVT
#
_cell.length_a   57.837
_cell.length_b   57.837
_cell.length_c   149.584
_cell.angle_alpha   90.00
_cell.angle_beta   90.00
_cell.angle_gamma   90.00
#
_symmetry.space_group_name_H-M   'P 41 21 2'
#
loop_
_entity.id
_entity.type
_entity.pdbx_description
1 polymer Thaumatin-1
2 non-polymer 'ASCORBIC ACID'
3 non-polymer 'L(+)-TARTARIC ACID'
4 non-polymer 'SODIUM ION'
5 water water
#
_entity_poly.entity_id   1
_entity_poly.type   'polypeptide(L)'
_entity_poly.pdbx_seq_one_letter_code
;ATFEIVNRCSYTVWAAASKGDAALDAGGRQLNSGESWTINVEPGTNGGKIWARTDCYFDDSGSGICKTGDCGGLLRCKRF
GRPPTTLAEFSLNQYGKDYIDISNIKGFNVPMNFSPTTRGCRGVRCAADIVGQCPAKLKAPGGGCNDACTVFQTSEYCCT
TGKCGPTEYSRFFKRLCPDAFSYVLDKPTTVTCPGSSNYRVTFCPTA
;
_entity_poly.pdbx_strand_id   A
#
loop_
_chem_comp.id
_chem_comp.type
_chem_comp.name
_chem_comp.formula
ASC L-saccharide 'ASCORBIC ACID' 'C6 H8 O6'
NA non-polymer 'SODIUM ION' 'Na 1'
TLA non-polymer 'L(+)-TARTARIC ACID' 'C4 H6 O6'
#
# COMPACT_ATOMS: atom_id res chain seq x y z
N ALA A 1 -15.12 7.58 7.43
CA ALA A 1 -14.14 8.42 6.61
C ALA A 1 -14.27 8.03 5.19
N THR A 2 -14.17 9.06 4.35
CA THR A 2 -14.20 8.87 2.91
C THR A 2 -12.74 8.75 2.41
N PHE A 3 -12.55 7.73 1.60
CA PHE A 3 -11.26 7.54 0.81
C PHE A 3 -11.67 7.51 -0.67
N GLU A 4 -11.17 8.48 -1.41
CA GLU A 4 -11.29 8.40 -2.87
C GLU A 4 -10.08 7.72 -3.43
N ILE A 5 -10.22 6.63 -4.11
CA ILE A 5 -9.09 5.84 -4.65
C ILE A 5 -9.10 6.10 -6.12
N VAL A 6 -8.01 6.66 -6.65
CA VAL A 6 -7.95 7.16 -8.06
C VAL A 6 -6.86 6.43 -8.79
N ASN A 7 -7.10 5.84 -9.90
CA ASN A 7 -6.10 5.22 -10.73
C ASN A 7 -5.62 6.17 -11.80
N ARG A 8 -4.51 6.84 -11.66
CA ARG A 8 -3.92 7.65 -12.73
C ARG A 8 -3.00 6.86 -13.57
N CYS A 9 -2.77 5.60 -13.29
CA CYS A 9 -1.90 4.77 -14.15
C CYS A 9 -2.51 4.63 -15.51
N SER A 10 -1.68 4.31 -16.49
CA SER A 10 -2.16 3.96 -17.83
C SER A 10 -2.73 2.65 -17.94
N TYR A 11 -2.54 1.76 -17.00
CA TYR A 11 -2.98 0.41 -16.92
C TYR A 11 -4.05 0.24 -15.87
N THR A 12 -4.91 -0.74 -16.06
CA THR A 12 -5.88 -1.09 -15.06
C THR A 12 -5.28 -1.60 -13.76
N VAL A 13 -5.80 -1.25 -12.64
CA VAL A 13 -5.46 -1.86 -11.36
C VAL A 13 -6.68 -2.36 -10.70
N TRP A 14 -6.59 -3.23 -9.70
CA TRP A 14 -7.65 -3.68 -8.87
C TRP A 14 -7.36 -3.18 -7.50
N ALA A 15 -7.98 -2.12 -7.05
CA ALA A 15 -7.76 -1.59 -5.74
C ALA A 15 -8.22 -2.60 -4.68
N ALA A 16 -7.63 -2.51 -3.52
CA ALA A 16 -7.95 -3.39 -2.39
C ALA A 16 -7.91 -2.58 -1.17
N ALA A 17 -8.74 -2.93 -0.16
CA ALA A 17 -8.84 -2.20 1.09
C ALA A 17 -9.20 -3.21 2.19
N SER A 18 -8.37 -3.37 3.19
CA SER A 18 -8.57 -4.37 4.24
C SER A 18 -7.97 -3.89 5.50
N LYS A 19 -8.40 -4.47 6.65
N LYS A 19 -8.40 -4.48 6.64
CA LYS A 19 -7.72 -4.31 7.92
CA LYS A 19 -7.69 -4.32 7.89
C LYS A 19 -7.14 -5.66 8.38
C LYS A 19 -7.15 -5.67 8.38
N GLY A 20 -7.03 -6.60 7.50
CA GLY A 20 -6.24 -7.84 7.81
C GLY A 20 -7.11 -9.06 8.10
N ASP A 21 -8.16 -8.80 8.81
CA ASP A 21 -9.20 -9.83 9.13
C ASP A 21 -10.56 -9.43 8.65
N ALA A 22 -10.68 -8.40 7.83
CA ALA A 22 -11.94 -8.02 7.26
C ALA A 22 -11.71 -7.05 6.12
N ALA A 23 -12.60 -7.04 5.19
CA ALA A 23 -12.69 -5.96 4.14
C ALA A 23 -12.95 -4.67 4.76
N LEU A 24 -12.47 -3.55 4.17
CA LEU A 24 -12.97 -2.24 4.35
C LEU A 24 -13.85 -1.93 3.18
N ASP A 25 -15.10 -1.47 3.44
CA ASP A 25 -16.11 -1.24 2.41
C ASP A 25 -16.24 -2.54 1.60
N ALA A 26 -16.32 -2.56 0.29
CA ALA A 26 -16.43 -3.72 -0.50
C ALA A 26 -15.16 -4.55 -0.59
N GLY A 27 -14.02 -4.00 -0.13
CA GLY A 27 -12.74 -4.73 -0.09
C GLY A 27 -11.92 -4.68 -1.37
N GLY A 28 -12.55 -4.54 -2.51
CA GLY A 28 -11.81 -4.41 -3.74
C GLY A 28 -12.64 -4.05 -4.89
N ARG A 29 -12.08 -3.51 -5.95
CA ARG A 29 -12.79 -3.14 -7.15
C ARG A 29 -11.79 -2.90 -8.27
N GLN A 30 -12.18 -3.14 -9.49
CA GLN A 30 -11.43 -2.78 -10.68
C GLN A 30 -11.42 -1.29 -10.88
N LEU A 31 -10.29 -0.67 -11.20
N LEU A 31 -10.30 -0.72 -11.25
CA LEU A 31 -10.16 0.71 -11.67
CA LEU A 31 -10.19 0.71 -11.59
C LEU A 31 -9.42 0.75 -12.94
C LEU A 31 -9.42 0.79 -12.90
N ASN A 32 -10.15 1.03 -14.01
CA ASN A 32 -9.50 1.33 -15.26
C ASN A 32 -8.74 2.63 -15.19
N SER A 33 -7.85 2.88 -16.13
CA SER A 33 -7.11 4.13 -16.17
C SER A 33 -8.01 5.30 -16.10
N GLY A 34 -7.86 6.15 -15.09
CA GLY A 34 -8.64 7.31 -14.87
C GLY A 34 -9.80 7.17 -13.91
N GLU A 35 -10.21 5.93 -13.58
CA GLU A 35 -11.37 5.74 -12.74
C GLU A 35 -11.09 6.06 -11.30
N SER A 36 -12.14 6.45 -10.58
CA SER A 36 -12.13 6.78 -9.15
C SER A 36 -13.17 5.95 -8.42
N TRP A 37 -12.83 5.35 -7.30
CA TRP A 37 -13.67 4.49 -6.49
C TRP A 37 -13.69 5.16 -5.12
N THR A 38 -14.86 5.58 -4.63
CA THR A 38 -14.99 6.19 -3.31
C THR A 38 -15.55 5.18 -2.31
N ILE A 39 -14.81 4.95 -1.26
CA ILE A 39 -15.15 4.05 -0.20
C ILE A 39 -15.32 4.82 1.09
N ASN A 40 -16.06 4.11 2.00
CA ASN A 40 -16.24 4.56 3.37
C ASN A 40 -15.55 3.58 4.29
N VAL A 41 -14.69 4.14 5.10
CA VAL A 41 -13.95 3.36 6.12
C VAL A 41 -14.51 3.74 7.50
N GLU A 42 -14.82 2.71 8.28
CA GLU A 42 -15.45 3.01 9.59
C GLU A 42 -14.54 3.83 10.46
N PRO A 43 -15.00 4.81 11.18
CA PRO A 43 -14.20 5.47 12.15
C PRO A 43 -13.66 4.47 13.19
N GLY A 44 -12.43 4.79 13.63
CA GLY A 44 -11.74 3.92 14.57
C GLY A 44 -11.01 2.77 13.98
N THR A 45 -11.02 2.60 12.64
CA THR A 45 -10.33 1.53 12.00
C THR A 45 -8.82 1.61 12.30
N ASN A 46 -8.28 0.53 12.85
CA ASN A 46 -6.88 0.49 13.22
C ASN A 46 -6.20 -0.50 12.30
N GLY A 47 -5.09 -0.04 11.73
CA GLY A 47 -4.34 -0.99 10.92
C GLY A 47 -4.92 -1.27 9.56
N GLY A 48 -5.62 -0.27 8.98
CA GLY A 48 -6.15 -0.41 7.63
C GLY A 48 -5.09 -0.18 6.55
N LYS A 49 -5.26 -0.85 5.44
CA LYS A 49 -4.36 -0.69 4.28
C LYS A 49 -5.13 -0.66 3.03
N ILE A 50 -4.62 0.15 2.08
CA ILE A 50 -5.08 0.21 0.70
C ILE A 50 -3.93 -0.07 -0.21
N TRP A 51 -4.13 -0.83 -1.27
CA TRP A 51 -3.09 -1.14 -2.22
C TRP A 51 -3.71 -1.36 -3.59
N ALA A 52 -2.88 -1.37 -4.60
CA ALA A 52 -3.23 -1.76 -5.94
C ALA A 52 -2.78 -3.17 -6.19
N ARG A 53 -3.52 -3.87 -7.03
CA ARG A 53 -3.16 -5.16 -7.58
C ARG A 53 -3.06 -5.10 -9.08
N THR A 54 -2.11 -5.79 -9.68
CA THR A 54 -1.90 -5.71 -11.13
C THR A 54 -2.11 -7.07 -11.79
N ASP A 55 -2.52 -7.01 -13.00
CA ASP A 55 -2.65 -8.20 -13.90
C ASP A 55 -3.50 -9.23 -13.27
N CYS A 56 -4.72 -8.89 -12.95
CA CYS A 56 -5.70 -9.73 -12.35
C CYS A 56 -6.66 -10.36 -13.36
N TYR A 57 -7.16 -11.54 -13.00
CA TYR A 57 -8.25 -12.26 -13.71
C TYR A 57 -9.21 -12.75 -12.69
N PHE A 58 -10.48 -12.45 -12.81
CA PHE A 58 -11.52 -12.90 -11.92
C PHE A 58 -12.65 -13.55 -12.75
N ASP A 59 -13.20 -14.62 -12.21
CA ASP A 59 -14.44 -15.14 -12.83
C ASP A 59 -15.65 -14.39 -12.30
N ASP A 60 -16.86 -14.90 -12.66
CA ASP A 60 -18.10 -14.20 -12.32
C ASP A 60 -18.42 -14.25 -10.88
N SER A 61 -17.84 -15.21 -10.15
CA SER A 61 -17.98 -15.27 -8.72
C SER A 61 -16.98 -14.36 -7.98
N GLY A 62 -16.10 -13.67 -8.72
CA GLY A 62 -15.06 -12.83 -8.06
C GLY A 62 -13.87 -13.60 -7.49
N SER A 63 -13.54 -14.73 -8.12
CA SER A 63 -12.37 -15.54 -7.72
C SER A 63 -11.45 -15.64 -8.82
N GLY A 64 -10.15 -15.53 -8.51
CA GLY A 64 -9.21 -15.58 -9.49
C GLY A 64 -7.78 -15.37 -8.98
N ILE A 65 -6.97 -14.57 -9.71
CA ILE A 65 -5.56 -14.38 -9.33
C ILE A 65 -5.18 -12.97 -9.78
N CYS A 66 -4.21 -12.40 -9.05
CA CYS A 66 -3.45 -11.17 -9.50
C CYS A 66 -1.97 -11.45 -9.39
N LYS A 67 -1.17 -10.83 -10.27
CA LYS A 67 0.29 -10.99 -10.22
C LYS A 67 0.91 -10.31 -9.13
N THR A 68 0.43 -9.16 -8.60
CA THR A 68 0.82 -8.51 -7.46
C THR A 68 -0.31 -8.27 -6.51
N GLY A 69 -0.15 -8.37 -5.20
CA GLY A 69 -1.11 -8.04 -4.28
C GLY A 69 -2.36 -8.92 -4.10
N ASP A 70 -2.24 -10.14 -4.65
CA ASP A 70 -3.42 -11.04 -4.55
C ASP A 70 -3.77 -11.29 -3.12
N CYS A 71 -5.06 -11.25 -2.79
CA CYS A 71 -5.57 -11.48 -1.43
C CYS A 71 -6.40 -12.76 -1.38
N GLY A 72 -5.73 -13.89 -1.36
CA GLY A 72 -6.52 -15.14 -1.35
C GLY A 72 -7.30 -15.39 -2.56
N GLY A 73 -7.02 -14.84 -3.73
CA GLY A 73 -7.71 -15.04 -4.91
C GLY A 73 -9.02 -14.28 -5.03
N LEU A 74 -9.33 -13.40 -4.16
CA LEU A 74 -10.64 -12.71 -4.17
C LEU A 74 -10.59 -11.36 -4.84
N LEU A 75 -11.61 -11.01 -5.59
CA LEU A 75 -11.78 -9.61 -6.08
C LEU A 75 -12.00 -8.75 -4.88
N ARG A 76 -12.96 -9.06 -3.97
N ARG A 76 -12.83 -9.13 -3.89
CA ARG A 76 -13.15 -8.37 -2.74
CA ARG A 76 -13.25 -8.32 -2.87
C ARG A 76 -12.31 -8.87 -1.71
C ARG A 76 -12.50 -8.67 -1.58
N CYS A 77 -11.27 -8.11 -1.38
CA CYS A 77 -10.38 -8.56 -0.39
C CYS A 77 -10.92 -8.51 0.98
N LYS A 78 -10.62 -9.57 1.80
CA LYS A 78 -10.82 -9.61 3.21
C LYS A 78 -9.58 -9.63 3.97
N ARG A 79 -8.45 -10.02 3.40
CA ARG A 79 -7.20 -10.13 4.01
C ARG A 79 -6.13 -9.28 3.26
N PHE A 80 -4.93 -9.16 3.82
CA PHE A 80 -3.88 -8.43 3.15
C PHE A 80 -3.37 -9.15 1.94
N GLY A 81 -2.70 -8.39 1.07
CA GLY A 81 -2.27 -8.89 -0.18
C GLY A 81 -0.85 -9.41 -0.23
N ARG A 82 -0.60 -10.28 -1.19
CA ARG A 82 0.72 -10.90 -1.38
C ARG A 82 1.73 -9.88 -1.85
N PRO A 83 2.91 -9.77 -1.28
CA PRO A 83 3.92 -8.85 -1.81
C PRO A 83 4.31 -9.21 -3.22
N PRO A 84 4.77 -8.25 -4.03
CA PRO A 84 5.12 -6.90 -3.62
C PRO A 84 3.92 -5.96 -3.69
N THR A 85 3.73 -5.13 -2.70
CA THR A 85 2.61 -4.20 -2.65
C THR A 85 3.05 -2.92 -2.07
N THR A 86 2.97 -1.77 -2.74
CA THR A 86 3.13 -0.46 -2.10
C THR A 86 1.88 -0.27 -1.19
N LEU A 87 2.06 0.15 0.04
CA LEU A 87 0.93 0.18 0.98
C LEU A 87 0.65 1.56 1.47
N ALA A 88 -0.64 1.98 1.35
CA ALA A 88 -1.19 3.14 2.04
C ALA A 88 -1.71 2.63 3.39
N GLU A 89 -1.20 3.09 4.50
CA GLU A 89 -1.54 2.54 5.83
C GLU A 89 -2.10 3.66 6.66
N PHE A 90 -3.15 3.23 7.46
CA PHE A 90 -3.84 4.22 8.26
C PHE A 90 -4.50 3.59 9.49
N SER A 91 -4.48 4.40 10.52
CA SER A 91 -5.27 4.12 11.75
C SER A 91 -5.98 5.40 12.09
N LEU A 92 -7.31 5.27 12.21
CA LEU A 92 -8.23 6.44 12.30
C LEU A 92 -8.80 6.58 13.74
N ASN A 93 -8.96 7.82 14.13
CA ASN A 93 -9.62 8.08 15.43
C ASN A 93 -8.91 7.36 16.57
N GLN A 94 -7.61 7.50 16.64
CA GLN A 94 -6.76 6.94 17.68
C GLN A 94 -6.43 8.06 18.62
N TYR A 95 -7.26 8.08 19.72
CA TYR A 95 -7.11 9.17 20.70
C TYR A 95 -7.17 10.49 20.13
N GLY A 96 -8.12 10.66 19.20
CA GLY A 96 -8.34 11.95 18.68
C GLY A 96 -7.70 12.36 17.36
N LYS A 97 -6.81 11.46 16.87
CA LYS A 97 -5.95 11.75 15.64
C LYS A 97 -6.08 10.55 14.76
N ASP A 98 -5.78 10.89 13.48
CA ASP A 98 -5.54 9.87 12.45
C ASP A 98 -4.03 9.83 12.15
N TYR A 99 -3.59 8.64 11.77
CA TYR A 99 -2.14 8.40 11.45
C TYR A 99 -2.04 7.74 10.10
N ILE A 100 -1.30 8.37 9.18
CA ILE A 100 -1.18 7.84 7.83
C ILE A 100 0.29 7.68 7.47
N ASP A 101 0.54 6.74 6.59
CA ASP A 101 1.91 6.54 6.05
C ASP A 101 1.81 5.77 4.75
N ILE A 102 2.91 5.77 4.02
CA ILE A 102 3.18 4.82 2.95
C ILE A 102 4.33 3.92 3.38
N SER A 103 4.19 2.65 3.05
CA SER A 103 5.24 1.62 3.38
C SER A 103 5.65 0.86 2.18
N ASN A 104 6.97 0.60 2.10
CA ASN A 104 7.61 -0.36 1.21
C ASN A 104 8.11 -1.55 1.99
N ILE A 105 7.65 -1.79 3.19
CA ILE A 105 8.12 -2.99 3.96
C ILE A 105 7.73 -4.27 3.34
N LYS A 106 6.59 -4.27 2.58
CA LYS A 106 6.10 -5.39 1.80
C LYS A 106 6.36 -5.20 0.30
N GLY A 107 7.39 -4.47 -0.01
CA GLY A 107 7.75 -4.24 -1.38
C GLY A 107 6.95 -3.15 -2.05
N PHE A 108 7.17 -3.02 -3.35
CA PHE A 108 6.59 -1.95 -4.17
C PHE A 108 6.14 -2.52 -5.46
N ASN A 109 4.89 -2.14 -5.85
CA ASN A 109 4.34 -2.54 -7.17
C ASN A 109 3.93 -1.33 -7.99
N VAL A 110 3.23 -0.38 -7.42
CA VAL A 110 2.65 0.77 -8.14
C VAL A 110 3.01 2.01 -7.40
N PRO A 111 3.39 3.11 -8.01
CA PRO A 111 3.68 4.32 -7.31
C PRO A 111 2.35 4.92 -6.71
N MET A 112 2.53 5.77 -5.71
N MET A 112 2.40 5.57 -5.57
CA MET A 112 1.37 6.13 -4.88
CA MET A 112 1.16 6.09 -4.98
C MET A 112 1.51 7.50 -4.28
C MET A 112 1.42 7.37 -4.21
N ASN A 113 0.40 8.24 -4.16
CA ASN A 113 0.28 9.37 -3.31
C ASN A 113 -0.86 9.12 -2.34
N PHE A 114 -0.68 9.46 -1.08
CA PHE A 114 -1.72 9.29 -0.07
C PHE A 114 -1.84 10.59 0.67
N SER A 115 -2.92 11.35 0.40
CA SER A 115 -3.03 12.67 0.93
C SER A 115 -4.41 12.90 1.55
N PRO A 116 -4.48 13.76 2.58
CA PRO A 116 -5.82 14.20 3.03
C PRO A 116 -6.51 15.06 2.03
N THR A 117 -7.82 15.00 2.03
CA THR A 117 -8.67 15.91 1.21
C THR A 117 -9.26 16.98 2.12
N THR A 118 -9.02 16.93 3.41
CA THR A 118 -9.48 17.90 4.37
C THR A 118 -8.28 18.55 4.95
N ARG A 119 -8.48 19.52 5.85
CA ARG A 119 -7.36 20.37 6.32
C ARG A 119 -6.61 19.83 7.48
N GLY A 120 -5.36 20.27 7.69
CA GLY A 120 -4.72 20.02 8.88
C GLY A 120 -3.47 19.18 8.90
N CYS A 121 -3.08 18.61 7.75
CA CYS A 121 -1.85 17.82 7.67
C CYS A 121 -1.49 17.72 6.14
N ARG A 122 -0.26 17.24 5.96
N ARG A 122 -0.43 17.09 5.88
CA ARG A 122 0.37 16.94 4.69
CA ARG A 122 0.10 17.02 4.52
C ARG A 122 -0.01 15.51 4.17
C ARG A 122 0.10 15.54 4.14
N GLY A 123 0.20 15.32 2.88
CA GLY A 123 0.23 13.97 2.32
C GLY A 123 1.63 13.38 2.23
N VAL A 124 1.70 12.15 1.85
CA VAL A 124 2.94 11.46 1.63
C VAL A 124 2.92 10.79 0.28
N ARG A 125 4.08 10.49 -0.34
CA ARG A 125 4.17 10.05 -1.64
C ARG A 125 5.35 9.10 -1.86
N CYS A 126 5.20 8.07 -2.60
CA CYS A 126 6.29 7.23 -3.14
C CYS A 126 6.00 7.01 -4.61
N ALA A 127 6.63 7.87 -5.42
CA ALA A 127 6.38 7.83 -6.86
C ALA A 127 7.58 7.68 -7.72
N ALA A 128 8.61 7.24 -7.25
CA ALA A 128 9.79 6.98 -8.02
C ALA A 128 9.66 5.66 -8.72
N ASP A 129 10.53 5.40 -9.69
CA ASP A 129 10.45 4.25 -10.53
C ASP A 129 11.22 3.07 -9.83
N ILE A 130 10.63 2.58 -8.73
CA ILE A 130 11.24 1.54 -7.98
C ILE A 130 11.28 0.30 -8.78
N VAL A 131 10.25 -0.08 -9.56
CA VAL A 131 10.33 -1.28 -10.31
C VAL A 131 11.47 -1.23 -11.36
N GLY A 132 11.58 -0.15 -12.08
CA GLY A 132 12.64 -0.06 -13.06
C GLY A 132 14.03 -0.07 -12.48
N GLN A 133 14.19 0.47 -11.28
CA GLN A 133 15.50 0.55 -10.62
C GLN A 133 15.79 -0.64 -9.71
N CYS A 134 14.85 -1.56 -9.50
CA CYS A 134 14.89 -2.59 -8.47
C CYS A 134 16.23 -3.39 -8.60
N PRO A 135 16.87 -3.63 -7.47
CA PRO A 135 18.01 -4.61 -7.39
C PRO A 135 17.64 -5.89 -7.99
N ALA A 136 18.58 -6.54 -8.73
CA ALA A 136 18.27 -7.78 -9.38
C ALA A 136 17.67 -8.92 -8.50
N LYS A 137 18.22 -9.00 -7.30
CA LYS A 137 17.83 -10.09 -6.40
C LYS A 137 16.39 -9.83 -5.81
N LEU A 138 15.89 -8.60 -5.91
CA LEU A 138 14.55 -8.23 -5.41
C LEU A 138 13.51 -8.26 -6.48
N LYS A 139 13.86 -8.30 -7.75
CA LYS A 139 12.87 -8.20 -8.83
C LYS A 139 11.85 -9.31 -8.76
N ALA A 140 10.60 -9.03 -8.87
CA ALA A 140 9.53 -10.07 -8.94
C ALA A 140 9.15 -10.19 -10.47
N PRO A 141 9.17 -11.44 -10.99
CA PRO A 141 8.90 -11.69 -12.42
C PRO A 141 7.49 -11.28 -12.82
N GLY A 142 6.59 -11.43 -11.83
CA GLY A 142 5.20 -10.99 -11.85
C GLY A 142 5.03 -9.53 -12.13
N GLY A 143 6.07 -8.75 -11.79
CA GLY A 143 5.95 -7.32 -11.74
C GLY A 143 6.31 -7.02 -10.25
N GLY A 144 6.95 -5.90 -10.14
CA GLY A 144 7.19 -5.38 -8.83
C GLY A 144 8.56 -5.62 -8.30
N CYS A 145 8.80 -5.04 -7.14
CA CYS A 145 10.15 -5.05 -6.47
C CYS A 145 9.84 -5.56 -5.05
N ASN A 146 10.27 -6.79 -4.77
CA ASN A 146 10.07 -7.33 -3.43
C ASN A 146 10.91 -6.70 -2.36
N ASP A 147 10.41 -6.65 -1.16
CA ASP A 147 11.24 -6.35 0.00
C ASP A 147 12.16 -7.56 0.31
N ALA A 148 13.25 -7.26 1.03
CA ALA A 148 14.20 -8.34 1.39
C ALA A 148 13.63 -9.32 2.33
N CYS A 149 12.74 -9.01 3.22
CA CYS A 149 12.12 -10.02 4.09
C CYS A 149 11.42 -11.08 3.31
N THR A 150 10.57 -10.67 2.35
CA THR A 150 9.88 -11.59 1.44
C THR A 150 10.87 -12.44 0.77
N VAL A 151 11.92 -11.93 0.23
CA VAL A 151 12.85 -12.72 -0.59
C VAL A 151 13.67 -13.70 0.25
N PHE A 152 14.22 -13.26 1.37
CA PHE A 152 15.28 -14.01 2.10
C PHE A 152 14.81 -14.53 3.38
N GLN A 153 13.79 -14.11 4.03
CA GLN A 153 13.25 -14.68 5.22
C GLN A 153 14.26 -14.81 6.35
N THR A 154 14.97 -13.73 6.65
CA THR A 154 15.93 -13.65 7.75
C THR A 154 15.40 -12.80 8.85
N SER A 155 15.91 -13.03 10.08
CA SER A 155 15.57 -12.23 11.18
C SER A 155 15.95 -10.74 10.95
N GLU A 156 17.09 -10.53 10.29
CA GLU A 156 17.54 -9.17 10.08
C GLU A 156 16.60 -8.43 9.13
N TYR A 157 16.19 -9.03 8.04
CA TYR A 157 15.29 -8.33 7.08
C TYR A 157 13.91 -8.23 7.63
N CYS A 158 13.43 -9.20 8.36
CA CYS A 158 12.03 -9.26 8.79
C CYS A 158 11.87 -8.64 10.14
N CYS A 159 12.95 -8.28 10.82
N CYS A 159 12.95 -8.30 10.85
CA CYS A 159 12.93 -7.65 12.14
CA CYS A 159 12.95 -7.62 12.15
C CYS A 159 12.06 -8.41 13.13
C CYS A 159 12.24 -8.40 13.25
N THR A 160 12.29 -9.72 13.10
CA THR A 160 11.54 -10.65 13.90
C THR A 160 11.81 -10.56 15.37
N THR A 161 13.04 -10.24 15.74
CA THR A 161 13.42 -10.14 17.23
C THR A 161 13.03 -8.73 17.71
N GLY A 162 12.62 -7.78 16.87
CA GLY A 162 12.56 -6.37 17.21
C GLY A 162 13.92 -5.72 17.25
N LYS A 163 14.95 -6.38 16.77
CA LYS A 163 16.28 -5.94 16.63
C LYS A 163 16.60 -6.17 15.13
N CYS A 164 16.80 -5.02 14.50
CA CYS A 164 17.32 -5.04 13.11
C CYS A 164 17.76 -3.60 12.84
N GLY A 165 18.58 -3.51 11.83
CA GLY A 165 19.07 -2.24 11.29
C GLY A 165 18.67 -2.06 9.81
N PRO A 166 18.98 -0.91 9.25
CA PRO A 166 18.88 -0.75 7.81
C PRO A 166 19.81 -1.71 7.08
N THR A 167 19.56 -2.00 5.84
CA THR A 167 20.29 -2.97 5.04
C THR A 167 20.58 -2.37 3.67
N GLU A 168 21.41 -3.00 2.87
CA GLU A 168 21.59 -2.56 1.54
C GLU A 168 20.26 -2.43 0.81
N TYR A 169 19.41 -3.41 1.00
CA TYR A 169 18.09 -3.45 0.33
C TYR A 169 17.17 -2.41 0.88
N SER A 170 17.05 -2.22 2.17
CA SER A 170 16.16 -1.17 2.68
C SER A 170 16.62 0.15 2.24
N ARG A 171 17.95 0.41 2.16
CA ARG A 171 18.45 1.70 1.74
C ARG A 171 18.10 2.00 0.29
N PHE A 172 17.98 1.02 -0.55
CA PHE A 172 17.47 1.26 -1.90
C PHE A 172 16.04 1.88 -1.89
N PHE A 173 15.15 1.22 -1.14
CA PHE A 173 13.79 1.78 -1.08
C PHE A 173 13.82 3.14 -0.46
N LYS A 174 14.64 3.39 0.55
CA LYS A 174 14.70 4.66 1.20
C LYS A 174 15.27 5.77 0.33
N ARG A 175 16.24 5.41 -0.49
CA ARG A 175 16.86 6.37 -1.42
C ARG A 175 15.80 6.82 -2.43
N LEU A 176 15.09 5.89 -2.98
CA LEU A 176 14.07 6.24 -4.01
C LEU A 176 12.87 6.88 -3.38
N CYS A 177 12.46 6.46 -2.20
CA CYS A 177 11.27 7.02 -1.53
C CYS A 177 11.57 7.34 -0.06
N PRO A 178 12.15 8.51 0.21
CA PRO A 178 12.47 8.85 1.55
C PRO A 178 11.26 8.94 2.52
N ASP A 179 10.09 9.17 1.94
CA ASP A 179 8.90 9.42 2.74
C ASP A 179 8.12 8.21 2.97
N ALA A 180 8.61 7.01 2.73
CA ALA A 180 7.95 5.76 2.98
C ALA A 180 8.77 4.89 3.89
N PHE A 181 8.19 4.04 4.71
CA PHE A 181 8.94 3.08 5.49
C PHE A 181 9.63 2.15 4.60
N SER A 182 10.96 1.92 4.90
CA SER A 182 11.80 1.03 4.14
C SER A 182 12.09 -0.29 4.83
N TYR A 183 11.90 -0.34 6.13
CA TYR A 183 12.07 -1.56 6.91
C TYR A 183 11.28 -1.35 8.23
N VAL A 184 11.09 -2.40 8.98
CA VAL A 184 10.16 -2.25 10.14
C VAL A 184 10.63 -1.25 11.08
N LEU A 185 11.86 -1.06 11.40
CA LEU A 185 12.33 -0.09 12.34
C LEU A 185 12.89 1.13 11.85
N ASP A 186 12.48 1.50 10.58
CA ASP A 186 12.82 2.73 10.03
C ASP A 186 12.38 3.94 10.90
N LYS A 187 13.07 5.05 10.78
CA LYS A 187 12.60 6.25 11.45
C LYS A 187 11.21 6.57 10.85
N PRO A 188 10.18 6.69 11.68
CA PRO A 188 8.82 6.84 11.12
C PRO A 188 8.60 8.02 10.25
N THR A 189 7.87 7.76 9.18
CA THR A 189 7.43 8.81 8.25
C THR A 189 5.89 8.97 8.34
N THR A 190 5.35 8.58 9.44
CA THR A 190 3.88 8.73 9.70
C THR A 190 3.48 10.16 9.86
N VAL A 191 2.37 10.54 9.30
CA VAL A 191 1.81 11.87 9.41
C VAL A 191 0.60 11.77 10.34
N THR A 192 0.56 12.75 11.26
CA THR A 192 -0.58 12.92 12.17
C THR A 192 -1.56 13.92 11.56
N CYS A 193 -2.80 13.47 11.35
CA CYS A 193 -3.87 14.25 10.84
C CYS A 193 -4.98 14.40 11.94
N PRO A 194 -5.82 15.43 11.72
CA PRO A 194 -6.96 15.53 12.65
C PRO A 194 -7.79 14.29 12.63
N GLY A 195 -8.38 13.85 13.72
CA GLY A 195 -9.31 12.69 13.69
C GLY A 195 -10.40 12.94 12.68
N SER A 196 -10.83 11.87 12.05
CA SER A 196 -11.92 11.94 11.09
C SER A 196 -11.61 12.79 9.86
N SER A 197 -10.34 12.86 9.44
CA SER A 197 -10.02 13.39 8.15
C SER A 197 -10.49 12.47 7.07
N ASN A 198 -10.57 13.02 5.83
CA ASN A 198 -10.85 12.24 4.63
C ASN A 198 -9.61 12.32 3.72
N TYR A 199 -9.55 11.32 2.81
CA TYR A 199 -8.31 11.09 2.08
C TYR A 199 -8.55 10.75 0.64
N ARG A 200 -7.42 10.85 -0.14
CA ARG A 200 -7.35 10.35 -1.51
C ARG A 200 -6.09 9.51 -1.65
N VAL A 201 -6.21 8.36 -2.21
CA VAL A 201 -5.04 7.51 -2.60
C VAL A 201 -5.00 7.53 -4.10
N THR A 202 -3.93 8.05 -4.67
CA THR A 202 -3.78 8.13 -6.14
C THR A 202 -2.72 7.17 -6.59
N PHE A 203 -2.98 6.23 -7.42
CA PHE A 203 -1.99 5.39 -8.06
C PHE A 203 -1.39 6.12 -9.23
N CYS A 204 -0.07 6.03 -9.40
CA CYS A 204 0.62 6.72 -10.50
C CYS A 204 0.39 8.16 -10.51
N PRO A 205 0.65 8.89 -9.39
CA PRO A 205 0.31 10.30 -9.30
C PRO A 205 1.01 11.20 -10.31
N THR A 206 2.17 10.80 -10.77
CA THR A 206 2.90 11.68 -11.75
C THR A 206 2.59 11.29 -13.20
N ALA A 207 1.64 10.38 -13.43
CA ALA A 207 1.19 9.94 -14.73
C ALA A 207 0.28 10.99 -15.46
C1 ASC B . -6.64 1.64 -23.22
C2 ASC B . -5.95 0.38 -23.52
C3 ASC B . -6.36 -0.49 -22.62
C4 ASC B . -7.31 0.11 -21.61
C5 ASC B . -6.75 0.22 -20.18
C6 ASC B . -7.79 0.82 -19.21
O1 ASC B . -6.63 2.81 -23.75
O2 ASC B . -4.98 0.24 -24.52
O3 ASC B . -5.98 -1.74 -22.45
O4 ASC B . -7.51 1.45 -22.14
O5 ASC B . -5.50 0.96 -20.17
O6 ASC B . -7.20 0.82 -17.97
C1 ASC C . -15.89 -1.62 -12.12
C2 ASC C . -15.29 -0.49 -12.89
C3 ASC C . -16.23 0.48 -12.69
C4 ASC C . -17.36 0.11 -11.74
C5 ASC C . -18.81 0.20 -12.35
C6 ASC C . -19.94 -0.32 -11.39
O1 ASC C . -15.42 -2.75 -12.10
O2 ASC C . -14.18 -0.56 -13.70
O3 ASC C . -16.33 1.71 -13.15
O4 ASC C . -17.00 -1.21 -11.39
O5 ASC C . -18.80 -0.55 -13.56
O6 ASC C . -19.51 -0.12 -10.05
C1 ASC D . 1.88 -4.07 9.61
C2 ASC D . 3.02 -4.47 10.37
C3 ASC D . 4.14 -4.14 9.72
C4 ASC D . 3.79 -3.48 8.43
C5 ASC D . 4.22 -4.21 7.15
C6 ASC D . 3.68 -3.56 5.88
O1 ASC D . 0.71 -4.02 9.89
O2 ASC D . 3.00 -5.10 11.62
O3 ASC D . 5.47 -4.29 10.07
O4 ASC D . 2.35 -3.50 8.49
O5 ASC D . 3.88 -5.53 7.09
O6 ASC D . 4.01 -2.19 6.00
C1 ASC E . -14.98 16.77 11.86
C2 ASC E . -15.89 15.63 11.84
C3 ASC E . -15.66 15.01 10.76
C4 ASC E . -14.51 15.66 10.01
C5 ASC E . -14.90 15.98 8.65
C6 ASC E . -13.71 16.42 7.75
O1 ASC E . -14.99 17.64 12.80
O2 ASC E . -16.75 15.35 12.81
O3 ASC E . -16.09 13.87 10.34
O4 ASC E . -14.17 16.81 10.74
O5 ASC E . -15.90 17.06 8.63
O6 ASC E . -13.24 17.65 8.18
C1 ASC F . 2.61 -1.27 11.52
C2 ASC F . 2.41 -0.71 10.23
C3 ASC F . 3.61 -0.34 9.73
C4 ASC F . 4.69 -0.65 10.75
C5 ASC F . 5.50 0.54 11.24
C6 ASC F . 6.47 0.12 12.40
O1 ASC F . 1.83 -1.80 12.34
O2 ASC F . 1.18 -0.52 9.66
O3 ASC F . 4.13 0.10 8.57
O4 ASC F . 3.94 -1.30 11.81
O5 ASC F . 4.76 1.64 11.75
O6 ASC F . 7.13 -1.07 11.98
O1 TLA G . -14.99 6.46 -14.15
O11 TLA G . -14.43 7.50 -12.22
C1 TLA G . -15.16 6.79 -12.99
C2 TLA G . -16.45 6.29 -12.31
O2 TLA G . -16.61 6.97 -11.07
C3 TLA G . -16.35 4.78 -12.10
O3 TLA G . -15.13 4.51 -11.29
C4 TLA G . -17.56 4.26 -11.41
O4 TLA G . -18.59 4.26 -12.22
O41 TLA G . -17.55 3.96 -10.18
NA NA H . -8.61 16.40 15.79
NA NA I . -11.12 15.96 14.62
NA NA J . -6.86 -10.92 -5.13
NA NA K . 21.01 -2.28 -9.43
NA NA L . 3.77 8.18 -10.61
NA NA M . -14.93 -0.19 6.93
NA NA N . -0.08 -0.79 -4.27
NA NA O . -16.88 9.51 14.35
#